data_2JOU
#
_entry.id   2JOU
#
_entity_poly.entity_id   1
_entity_poly.type   'polypeptide(L)'
_entity_poly.pdbx_seq_one_letter_code
;CWLCRALIKRIQAMIPKGGRMLPQLVCRLVLRCS
;
_entity_poly.pdbx_strand_id   A
#
# COMPACT_ATOMS: atom_id res chain seq x y z
N CYS A 1 20.33 -21.78 22.74
CA CYS A 1 19.63 -22.49 21.64
C CYS A 1 18.31 -21.80 21.32
N TRP A 2 18.40 -20.69 20.60
CA TRP A 2 17.23 -19.91 20.21
C TRP A 2 17.54 -19.15 18.93
N LEU A 3 17.93 -17.90 19.09
CA LEU A 3 18.31 -17.03 18.00
C LEU A 3 17.19 -16.82 16.98
N CYS A 4 16.53 -17.91 16.59
CA CYS A 4 15.45 -17.86 15.61
C CYS A 4 14.51 -16.68 15.85
N ARG A 5 14.53 -16.16 17.07
CA ARG A 5 13.69 -15.02 17.43
C ARG A 5 14.05 -13.81 16.59
N ALA A 6 15.20 -13.86 15.92
CA ALA A 6 15.65 -12.76 15.09
C ALA A 6 14.98 -12.81 13.71
N LEU A 7 14.80 -14.01 13.17
CA LEU A 7 14.14 -14.17 11.87
C LEU A 7 12.68 -13.76 11.97
N ILE A 8 12.12 -13.99 13.15
CA ILE A 8 10.72 -13.65 13.34
C ILE A 8 10.51 -12.14 13.38
N LYS A 9 11.34 -11.42 14.13
CA LYS A 9 11.21 -9.97 14.19
C LYS A 9 11.39 -9.36 12.80
N ARG A 10 12.06 -10.09 11.94
CA ARG A 10 12.29 -9.63 10.58
C ARG A 10 10.97 -9.53 9.85
N ILE A 11 10.20 -10.61 9.88
CA ILE A 11 8.88 -10.59 9.26
C ILE A 11 8.13 -9.38 9.80
N GLN A 12 8.42 -9.08 11.06
CA GLN A 12 7.81 -7.96 11.76
C GLN A 12 8.06 -6.65 11.01
N ALA A 13 9.21 -6.52 10.37
CA ALA A 13 9.55 -5.30 9.63
C ALA A 13 9.01 -5.32 8.20
N MET A 14 8.71 -6.50 7.67
CA MET A 14 8.20 -6.61 6.29
C MET A 14 6.66 -6.55 6.20
N ILE A 15 5.96 -6.39 7.33
CA ILE A 15 4.47 -6.36 7.32
C ILE A 15 3.74 -5.13 6.70
N PRO A 16 4.49 -4.11 6.43
CA PRO A 16 4.04 -2.84 5.82
C PRO A 16 3.53 -3.01 4.37
N LYS A 17 2.74 -2.02 3.89
CA LYS A 17 2.18 -2.03 2.51
C LYS A 17 0.76 -1.44 2.50
N GLY A 18 0.39 -0.80 1.39
CA GLY A 18 -0.94 -0.20 1.28
C GLY A 18 -1.31 0.27 -0.13
N GLY A 19 -1.02 1.54 -0.43
CA GLY A 19 -1.33 2.12 -1.74
C GLY A 19 -2.79 2.05 -2.10
N ARG A 20 -3.22 2.96 -3.02
CA ARG A 20 -4.61 3.03 -3.49
C ARG A 20 -5.09 4.48 -3.51
N MET A 21 -4.81 5.18 -4.61
CA MET A 21 -5.23 6.58 -4.75
C MET A 21 -6.57 6.71 -5.48
N LEU A 22 -6.64 6.06 -6.63
CA LEU A 22 -7.86 6.07 -7.48
C LEU A 22 -8.33 7.50 -7.84
N PRO A 23 -7.58 8.24 -8.69
CA PRO A 23 -7.94 9.60 -9.11
C PRO A 23 -8.62 9.68 -10.48
N GLN A 24 -9.70 8.92 -10.66
CA GLN A 24 -10.42 8.88 -11.95
C GLN A 24 -11.58 9.89 -12.03
N LEU A 25 -11.81 10.65 -10.97
CA LEU A 25 -12.92 11.61 -10.96
C LEU A 25 -12.88 12.57 -12.13
N VAL A 26 -12.01 13.57 -12.03
CA VAL A 26 -11.91 14.60 -13.05
C VAL A 26 -11.88 14.03 -14.46
N CYS A 27 -11.31 12.83 -14.60
CA CYS A 27 -11.22 12.20 -15.91
C CYS A 27 -12.58 12.06 -16.56
N ARG A 28 -13.40 11.17 -16.02
CA ARG A 28 -14.73 10.91 -16.57
C ARG A 28 -15.81 11.78 -15.93
N LEU A 29 -15.43 12.64 -15.00
CA LEU A 29 -16.41 13.47 -14.34
C LEU A 29 -16.63 14.80 -15.02
N VAL A 30 -15.59 15.35 -15.64
CA VAL A 30 -15.72 16.64 -16.29
C VAL A 30 -16.37 16.52 -17.67
N LEU A 31 -15.57 16.16 -18.68
CA LEU A 31 -16.06 15.99 -20.06
C LEU A 31 -17.22 16.92 -20.34
N ARG A 32 -17.02 18.17 -19.96
CA ARG A 32 -18.01 19.19 -20.16
C ARG A 32 -18.16 19.49 -21.64
N CYS A 33 -17.07 19.89 -22.29
CA CYS A 33 -17.08 20.21 -23.72
C CYS A 33 -17.82 21.51 -23.98
N SER A 34 -18.96 21.64 -23.33
CA SER A 34 -19.80 22.83 -23.49
C SER A 34 -19.12 24.06 -22.92
N CYS A 1 21.62 -21.69 22.93
CA CYS A 1 20.13 -21.77 22.99
C CYS A 1 19.48 -20.64 22.20
N TRP A 2 18.33 -20.95 21.58
CA TRP A 2 17.58 -19.98 20.76
C TRP A 2 18.44 -19.21 19.79
N LEU A 3 17.77 -18.41 18.99
CA LEU A 3 18.42 -17.54 18.02
C LEU A 3 17.42 -17.07 16.97
N CYS A 4 16.69 -18.03 16.42
CA CYS A 4 15.69 -17.79 15.39
C CYS A 4 14.78 -16.60 15.70
N ARG A 5 14.69 -16.24 16.97
CA ARG A 5 13.81 -15.14 17.37
C ARG A 5 14.12 -13.85 16.59
N ALA A 6 15.28 -13.81 15.94
CA ALA A 6 15.67 -12.64 15.17
C ALA A 6 14.99 -12.63 13.79
N LEU A 7 14.93 -13.78 13.14
CA LEU A 7 14.30 -13.88 11.83
C LEU A 7 12.81 -13.70 11.92
N ILE A 8 12.23 -14.03 13.07
CA ILE A 8 10.81 -13.87 13.24
C ILE A 8 10.46 -12.40 13.38
N LYS A 9 11.25 -11.67 14.17
CA LYS A 9 11.03 -10.23 14.32
C LYS A 9 11.37 -9.52 13.01
N ARG A 10 12.05 -10.24 12.12
CA ARG A 10 12.41 -9.71 10.81
C ARG A 10 11.13 -9.46 10.05
N ILE A 11 10.39 -10.55 9.79
CA ILE A 11 9.12 -10.45 9.11
C ILE A 11 8.24 -9.42 9.79
N GLN A 12 8.36 -9.37 11.12
CA GLN A 12 7.60 -8.42 11.93
C GLN A 12 7.70 -7.02 11.34
N ALA A 13 8.91 -6.66 10.90
CA ALA A 13 9.14 -5.34 10.31
C ALA A 13 8.93 -5.36 8.79
N MET A 14 8.78 -6.56 8.21
CA MET A 14 8.60 -6.71 6.77
C MET A 14 7.13 -6.69 6.35
N ILE A 15 6.23 -6.48 7.31
CA ILE A 15 4.77 -6.52 7.06
C ILE A 15 4.02 -5.24 6.57
N PRO A 16 4.71 -4.19 6.21
CA PRO A 16 4.14 -2.92 5.74
C PRO A 16 3.70 -2.95 4.26
N LYS A 17 2.83 -1.98 3.87
CA LYS A 17 2.31 -1.86 2.48
C LYS A 17 0.88 -1.28 2.47
N GLY A 18 0.46 -0.71 1.32
CA GLY A 18 -0.89 -0.14 1.24
C GLY A 18 -1.30 0.29 -0.18
N GLY A 19 -1.00 1.56 -0.54
CA GLY A 19 -1.36 2.09 -1.86
C GLY A 19 -2.86 2.26 -2.07
N ARG A 20 -3.25 3.13 -3.04
CA ARG A 20 -4.66 3.39 -3.36
C ARG A 20 -4.92 4.90 -3.52
N MET A 21 -4.64 5.42 -4.71
CA MET A 21 -4.85 6.85 -5.00
C MET A 21 -6.24 7.10 -5.62
N LEU A 22 -6.57 6.31 -6.62
CA LEU A 22 -7.88 6.39 -7.32
C LEU A 22 -8.23 7.81 -7.83
N PRO A 23 -7.61 8.27 -8.93
CA PRO A 23 -7.85 9.59 -9.52
C PRO A 23 -8.72 9.56 -10.80
N GLN A 24 -9.92 8.98 -10.70
CA GLN A 24 -10.83 8.89 -11.86
C GLN A 24 -11.79 10.08 -11.97
N LEU A 25 -11.81 10.96 -10.98
CA LEU A 25 -12.73 12.11 -10.97
C LEU A 25 -12.72 12.88 -12.29
N VAL A 26 -11.73 13.75 -12.46
CA VAL A 26 -11.65 14.60 -13.64
C VAL A 26 -11.86 13.83 -14.94
N CYS A 27 -11.51 12.56 -14.93
CA CYS A 27 -11.66 11.73 -16.12
C CYS A 27 -13.09 11.73 -16.65
N ARG A 28 -13.98 11.06 -15.94
CA ARG A 28 -15.39 10.97 -16.36
C ARG A 28 -16.26 12.09 -15.78
N LEU A 29 -15.67 12.96 -14.95
CA LEU A 29 -16.43 14.05 -14.33
C LEU A 29 -16.53 15.28 -15.22
N VAL A 30 -15.47 15.60 -15.96
CA VAL A 30 -15.49 16.80 -16.77
C VAL A 30 -16.33 16.62 -18.04
N LEU A 31 -15.74 16.04 -19.09
CA LEU A 31 -16.41 15.78 -20.37
C LEU A 31 -17.54 16.76 -20.59
N ARG A 32 -17.22 18.01 -20.39
CA ARG A 32 -18.18 19.08 -20.55
C ARG A 32 -18.43 19.34 -22.04
N CYS A 33 -17.38 19.21 -22.85
CA CYS A 33 -17.47 19.44 -24.29
C CYS A 33 -17.69 20.91 -24.58
N SER A 34 -18.73 21.42 -23.97
CA SER A 34 -19.11 22.81 -24.11
C SER A 34 -20.26 23.16 -23.17
N CYS A 1 21.34 -21.22 23.05
CA CYS A 1 20.88 -22.13 21.97
C CYS A 1 19.95 -21.42 20.99
N TRP A 2 19.04 -20.61 21.53
CA TRP A 2 18.08 -19.87 20.70
C TRP A 2 18.78 -19.05 19.64
N LEU A 3 17.95 -18.42 18.82
CA LEU A 3 18.40 -17.55 17.76
C LEU A 3 17.26 -17.20 16.83
N CYS A 4 16.43 -18.19 16.56
CA CYS A 4 15.27 -18.03 15.68
C CYS A 4 14.50 -16.74 15.98
N ARG A 5 14.70 -16.21 17.17
CA ARG A 5 14.02 -14.98 17.57
C ARG A 5 14.35 -13.82 16.63
N ALA A 6 15.41 -13.96 15.87
CA ALA A 6 15.81 -12.92 14.92
C ALA A 6 15.00 -13.01 13.63
N LEU A 7 14.73 -14.23 13.17
CA LEU A 7 13.95 -14.42 11.96
C LEU A 7 12.54 -13.94 12.15
N ILE A 8 12.07 -13.99 13.39
CA ILE A 8 10.71 -13.55 13.66
C ILE A 8 10.60 -12.03 13.65
N LYS A 9 11.53 -11.35 14.31
CA LYS A 9 11.50 -9.88 14.33
C LYS A 9 11.66 -9.33 12.92
N ARG A 10 12.20 -10.15 12.03
CA ARG A 10 12.39 -9.76 10.65
C ARG A 10 11.04 -9.64 9.99
N ILE A 11 10.23 -10.68 10.12
CA ILE A 11 8.88 -10.64 9.57
C ILE A 11 8.21 -9.36 10.08
N GLN A 12 8.55 -9.03 11.33
CA GLN A 12 8.02 -7.84 11.98
C GLN A 12 8.26 -6.59 11.13
N ALA A 13 9.42 -6.54 10.47
CA ALA A 13 9.78 -5.39 9.64
C ALA A 13 9.30 -5.49 8.19
N MET A 14 8.98 -6.69 7.72
CA MET A 14 8.53 -6.90 6.33
C MET A 14 7.01 -6.81 6.17
N ILE A 15 6.30 -6.52 7.27
CA ILE A 15 4.82 -6.47 7.27
C ILE A 15 4.06 -5.19 6.78
N PRO A 16 4.75 -4.23 6.20
CA PRO A 16 4.19 -2.97 5.69
C PRO A 16 3.52 -3.08 4.30
N LYS A 17 2.69 -2.06 3.95
CA LYS A 17 1.98 -2.00 2.65
C LYS A 17 0.73 -1.13 2.76
N GLY A 18 0.17 -0.70 1.61
CA GLY A 18 -1.02 0.14 1.63
C GLY A 18 -1.67 0.38 0.26
N GLY A 19 -1.23 1.44 -0.43
CA GLY A 19 -1.79 1.78 -1.75
C GLY A 19 -3.27 2.12 -1.72
N ARG A 20 -3.73 2.89 -2.74
CA ARG A 20 -5.14 3.30 -2.87
C ARG A 20 -5.27 4.78 -3.25
N MET A 21 -5.14 5.07 -4.55
CA MET A 21 -5.25 6.44 -5.06
C MET A 21 -6.68 6.71 -5.59
N LEU A 22 -7.15 5.81 -6.43
CA LEU A 22 -8.49 5.89 -7.02
C LEU A 22 -8.89 7.32 -7.45
N PRO A 23 -8.16 7.93 -8.41
CA PRO A 23 -8.43 9.29 -8.88
C PRO A 23 -9.03 9.38 -10.31
N GLN A 24 -10.10 8.62 -10.59
CA GLN A 24 -10.71 8.61 -11.94
C GLN A 24 -11.84 9.64 -12.16
N LEU A 25 -12.67 9.81 -11.15
CA LEU A 25 -13.84 10.70 -11.21
C LEU A 25 -13.67 11.91 -12.12
N VAL A 26 -12.83 12.85 -11.68
CA VAL A 26 -12.60 14.10 -12.42
C VAL A 26 -12.58 13.89 -13.94
N CYS A 27 -11.50 13.31 -14.45
CA CYS A 27 -11.34 13.08 -15.90
C CYS A 27 -12.63 12.60 -16.55
N ARG A 28 -13.46 11.88 -15.79
CA ARG A 28 -14.71 11.34 -16.31
C ARG A 28 -15.72 12.44 -16.69
N LEU A 29 -16.21 13.16 -15.69
CA LEU A 29 -17.23 14.19 -15.92
C LEU A 29 -16.67 15.58 -16.21
N VAL A 30 -15.36 15.71 -16.25
CA VAL A 30 -14.72 17.00 -16.51
C VAL A 30 -14.81 17.44 -17.98
N LEU A 31 -15.44 16.64 -18.82
CA LEU A 31 -15.57 16.97 -20.23
C LEU A 31 -17.03 17.07 -20.61
N ARG A 32 -17.77 17.84 -19.82
CA ARG A 32 -19.18 18.03 -20.04
C ARG A 32 -19.48 18.31 -21.51
N CYS A 33 -18.97 19.43 -21.99
CA CYS A 33 -19.16 19.84 -23.38
C CYS A 33 -18.97 21.34 -23.48
N SER A 34 -19.59 22.03 -22.55
CA SER A 34 -19.53 23.47 -22.49
C SER A 34 -20.29 24.01 -21.28
N CYS A 1 21.82 -20.77 23.48
CA CYS A 1 20.50 -21.30 23.03
C CYS A 1 19.73 -20.26 22.23
N TRP A 2 18.62 -20.70 21.62
CA TRP A 2 17.77 -19.83 20.79
C TRP A 2 18.55 -18.91 19.89
N LEU A 3 17.80 -18.25 19.02
CA LEU A 3 18.36 -17.28 18.10
C LEU A 3 17.38 -16.97 16.99
N CYS A 4 16.77 -18.01 16.47
CA CYS A 4 15.78 -17.89 15.40
C CYS A 4 14.80 -16.77 15.71
N ARG A 5 14.72 -16.38 16.98
CA ARG A 5 13.83 -15.30 17.38
C ARG A 5 14.14 -14.01 16.61
N ALA A 6 15.29 -13.98 15.93
CA ALA A 6 15.67 -12.81 15.15
C ALA A 6 14.92 -12.77 13.83
N LEU A 7 14.87 -13.91 13.14
CA LEU A 7 14.18 -13.99 11.86
C LEU A 7 12.71 -13.75 12.03
N ILE A 8 12.18 -14.04 13.22
CA ILE A 8 10.78 -13.83 13.45
C ILE A 8 10.50 -12.32 13.52
N LYS A 9 11.34 -11.60 14.24
CA LYS A 9 11.19 -10.15 14.34
C LYS A 9 11.41 -9.51 12.96
N ARG A 10 11.99 -10.29 12.06
CA ARG A 10 12.25 -9.84 10.71
C ARG A 10 10.93 -9.66 10.00
N ILE A 11 10.10 -10.70 10.04
CA ILE A 11 8.78 -10.61 9.44
C ILE A 11 8.07 -9.37 10.00
N GLN A 12 8.38 -9.12 11.28
CA GLN A 12 7.82 -7.97 11.99
C GLN A 12 8.02 -6.67 11.20
N ALA A 13 9.21 -6.49 10.66
CA ALA A 13 9.52 -5.25 9.92
C ALA A 13 9.11 -5.28 8.45
N MET A 14 8.89 -6.47 7.88
CA MET A 14 8.52 -6.60 6.48
C MET A 14 7.00 -6.58 6.25
N ILE A 15 6.23 -6.40 7.32
CA ILE A 15 4.76 -6.41 7.25
C ILE A 15 3.97 -5.14 6.80
N PRO A 16 4.66 -4.11 6.31
CA PRO A 16 4.09 -2.82 5.84
C PRO A 16 3.63 -2.83 4.36
N LYS A 17 2.73 -1.88 4.02
CA LYS A 17 2.20 -1.73 2.63
C LYS A 17 0.85 -1.00 2.63
N GLY A 18 0.39 -0.58 1.43
CA GLY A 18 -0.88 0.13 1.34
C GLY A 18 -1.30 0.54 -0.09
N GLY A 19 -0.90 1.75 -0.50
CA GLY A 19 -1.25 2.26 -1.85
C GLY A 19 -2.76 2.29 -2.13
N ARG A 20 -3.16 3.12 -3.12
CA ARG A 20 -4.57 3.25 -3.55
C ARG A 20 -5.06 4.70 -3.53
N MET A 21 -4.78 5.43 -4.60
CA MET A 21 -5.21 6.83 -4.73
C MET A 21 -6.50 6.95 -5.56
N LEU A 22 -6.53 6.26 -6.68
CA LEU A 22 -7.70 6.24 -7.59
C LEU A 22 -8.25 7.65 -7.94
N PRO A 23 -7.59 8.36 -8.88
CA PRO A 23 -7.98 9.70 -9.32
C PRO A 23 -8.70 9.72 -10.68
N GLN A 24 -9.82 9.01 -10.78
CA GLN A 24 -10.58 8.93 -12.04
C GLN A 24 -11.66 10.03 -12.14
N LEU A 25 -11.91 10.74 -11.04
CA LEU A 25 -12.96 11.77 -11.02
C LEU A 25 -12.93 12.69 -12.24
N VAL A 26 -12.01 13.65 -12.22
CA VAL A 26 -11.90 14.64 -13.29
C VAL A 26 -11.98 14.00 -14.67
N CYS A 27 -11.46 12.79 -14.79
CA CYS A 27 -11.46 12.11 -16.08
C CYS A 27 -12.86 12.03 -16.70
N ARG A 28 -13.72 11.21 -16.12
CA ARG A 28 -15.08 11.03 -16.65
C ARG A 28 -16.10 12.01 -16.04
N LEU A 29 -15.67 12.85 -15.10
CA LEU A 29 -16.61 13.78 -14.47
C LEU A 29 -16.70 15.11 -15.21
N VAL A 30 -15.64 15.52 -15.89
CA VAL A 30 -15.67 16.80 -16.59
C VAL A 30 -16.37 16.70 -17.95
N LEU A 31 -15.66 16.26 -18.98
CA LEU A 31 -16.20 16.10 -20.33
C LEU A 31 -17.36 17.04 -20.57
N ARG A 32 -17.10 18.29 -20.27
CA ARG A 32 -18.09 19.32 -20.43
C ARG A 32 -17.93 20.04 -21.76
N CYS A 33 -17.16 21.14 -21.79
CA CYS A 33 -16.95 21.91 -23.01
C CYS A 33 -18.24 22.58 -23.44
N SER A 34 -19.24 21.75 -23.64
CA SER A 34 -20.56 22.20 -24.05
C SER A 34 -21.47 21.02 -24.34
N CYS A 1 21.18 -21.50 23.44
CA CYS A 1 20.11 -22.45 23.01
C CYS A 1 18.98 -21.73 22.28
N TRP A 2 19.28 -20.56 21.74
CA TRP A 2 18.29 -19.78 21.00
C TRP A 2 18.89 -19.21 19.74
N LEU A 3 18.02 -18.57 18.97
CA LEU A 3 18.41 -17.93 17.73
C LEU A 3 17.19 -17.48 16.97
N CYS A 4 16.16 -18.31 17.00
CA CYS A 4 14.91 -18.04 16.31
C CYS A 4 14.45 -16.59 16.50
N ARG A 5 14.94 -15.97 17.56
CA ARG A 5 14.56 -14.57 17.81
C ARG A 5 14.80 -13.70 16.57
N ALA A 6 15.70 -14.16 15.71
CA ALA A 6 16.00 -13.43 14.49
C ALA A 6 14.87 -13.53 13.46
N LEU A 7 14.26 -14.71 13.36
CA LEU A 7 13.16 -14.90 12.41
C LEU A 7 11.92 -14.16 12.86
N ILE A 8 11.85 -13.84 14.15
CA ILE A 8 10.71 -13.11 14.61
C ILE A 8 10.82 -11.65 14.20
N LYS A 9 12.04 -11.12 14.26
CA LYS A 9 12.26 -9.73 13.88
C LYS A 9 12.21 -9.57 12.36
N ARG A 10 12.27 -10.69 11.65
CA ARG A 10 12.21 -10.62 10.19
C ARG A 10 10.78 -10.33 9.79
N ILE A 11 9.84 -11.02 10.44
CA ILE A 11 8.43 -10.75 10.19
C ILE A 11 8.20 -9.27 10.45
N GLN A 12 8.88 -8.80 11.50
CA GLN A 12 8.83 -7.41 11.92
C GLN A 12 9.14 -6.47 10.75
N ALA A 13 10.05 -6.90 9.89
CA ALA A 13 10.45 -6.09 8.74
C ALA A 13 9.54 -6.30 7.51
N MET A 14 8.79 -7.39 7.49
CA MET A 14 7.92 -7.69 6.35
C MET A 14 6.50 -7.13 6.51
N ILE A 15 6.25 -6.43 7.61
CA ILE A 15 4.90 -5.87 7.87
C ILE A 15 4.40 -4.58 7.14
N PRO A 16 5.13 -4.08 6.18
CA PRO A 16 4.79 -2.88 5.38
C PRO A 16 3.68 -3.12 4.33
N LYS A 17 3.10 -2.02 3.79
CA LYS A 17 2.03 -2.06 2.75
C LYS A 17 1.08 -0.86 2.88
N GLY A 18 0.38 -0.51 1.77
CA GLY A 18 -0.54 0.64 1.82
C GLY A 18 -1.53 0.73 0.65
N GLY A 19 -1.13 1.42 -0.43
CA GLY A 19 -2.03 1.59 -1.60
C GLY A 19 -2.80 2.91 -1.58
N ARG A 20 -3.61 3.17 -2.64
CA ARG A 20 -4.44 4.39 -2.78
C ARG A 20 -3.99 5.23 -3.97
N MET A 21 -4.45 4.85 -5.17
CA MET A 21 -4.10 5.57 -6.41
C MET A 21 -4.95 6.83 -6.60
N LEU A 22 -6.24 6.75 -6.29
CA LEU A 22 -7.18 7.89 -6.40
C LEU A 22 -7.93 7.97 -7.75
N PRO A 23 -9.25 8.31 -7.72
CA PRO A 23 -10.14 8.43 -8.90
C PRO A 23 -10.22 9.84 -9.50
N GLN A 24 -9.67 9.99 -10.70
CA GLN A 24 -9.72 11.25 -11.44
C GLN A 24 -10.95 11.30 -12.35
N LEU A 25 -11.75 10.22 -12.30
CA LEU A 25 -12.97 10.12 -13.11
C LEU A 25 -13.70 11.44 -13.20
N VAL A 26 -13.71 12.15 -12.09
CA VAL A 26 -14.40 13.43 -12.04
C VAL A 26 -13.89 14.40 -13.11
N CYS A 27 -12.59 14.41 -13.34
CA CYS A 27 -12.03 15.31 -14.35
C CYS A 27 -12.37 14.84 -15.76
N ARG A 28 -12.49 13.53 -15.95
CA ARG A 28 -12.78 12.99 -17.29
C ARG A 28 -14.28 12.86 -17.56
N LEU A 29 -15.02 12.28 -16.61
CA LEU A 29 -16.45 12.07 -16.76
C LEU A 29 -17.22 13.38 -16.80
N VAL A 30 -16.66 14.41 -16.17
CA VAL A 30 -17.33 15.69 -16.14
C VAL A 30 -17.47 16.29 -17.55
N LEU A 31 -16.43 16.95 -18.05
CA LEU A 31 -16.40 17.53 -19.39
C LEU A 31 -17.73 18.17 -19.75
N ARG A 32 -18.12 19.12 -18.94
CA ARG A 32 -19.35 19.84 -19.18
C ARG A 32 -19.18 20.77 -20.36
N CYS A 33 -18.32 21.78 -20.20
CA CYS A 33 -18.05 22.75 -21.27
C CYS A 33 -19.27 23.61 -21.54
N SER A 34 -20.38 22.95 -21.74
CA SER A 34 -21.63 23.64 -22.05
C SER A 34 -22.78 23.09 -21.19
N CYS A 1 18.81 -16.90 25.17
CA CYS A 1 19.91 -17.66 24.53
C CYS A 1 19.41 -18.41 23.29
N TRP A 2 18.63 -17.72 22.45
CA TRP A 2 18.10 -18.34 21.24
C TRP A 2 18.16 -17.39 20.05
N LEU A 3 18.75 -17.86 18.95
CA LEU A 3 18.88 -17.07 17.72
C LEU A 3 17.56 -16.88 17.01
N CYS A 4 16.69 -17.87 17.16
CA CYS A 4 15.36 -17.86 16.58
C CYS A 4 14.72 -16.47 16.67
N ARG A 5 15.21 -15.69 17.63
CA ARG A 5 14.70 -14.34 17.80
C ARG A 5 14.95 -13.50 16.54
N ALA A 6 15.72 -14.07 15.61
CA ALA A 6 16.04 -13.41 14.35
C ALA A 6 14.89 -13.53 13.35
N LEU A 7 14.32 -14.73 13.25
CA LEU A 7 13.22 -14.97 12.33
C LEU A 7 12.01 -14.18 12.75
N ILE A 8 11.85 -14.00 14.05
CA ILE A 8 10.71 -13.24 14.55
C ILE A 8 10.83 -11.78 14.13
N LYS A 9 12.01 -11.17 14.34
CA LYS A 9 12.20 -9.77 13.93
C LYS A 9 12.05 -9.66 12.41
N ARG A 10 12.13 -10.80 11.75
CA ARG A 10 12.01 -10.88 10.32
C ARG A 10 10.61 -10.46 9.92
N ILE A 11 9.63 -11.09 10.53
CA ILE A 11 8.25 -10.73 10.26
C ILE A 11 8.08 -9.24 10.53
N GLN A 12 8.82 -8.79 11.56
CA GLN A 12 8.82 -7.39 11.95
C GLN A 12 9.10 -6.48 10.75
N ALA A 13 9.95 -6.93 9.84
CA ALA A 13 10.31 -6.15 8.67
C ALA A 13 9.40 -6.39 7.44
N MET A 14 8.67 -7.50 7.43
CA MET A 14 7.79 -7.81 6.28
C MET A 14 6.37 -7.27 6.43
N ILE A 15 6.12 -6.55 7.52
CA ILE A 15 4.76 -6.00 7.82
C ILE A 15 4.23 -4.69 7.13
N PRO A 16 4.92 -4.17 6.14
CA PRO A 16 4.57 -2.94 5.41
C PRO A 16 3.43 -3.13 4.37
N LYS A 17 2.95 -2.00 3.78
CA LYS A 17 1.87 -1.99 2.76
C LYS A 17 1.00 -0.73 2.89
N GLY A 18 0.23 -0.39 1.84
CA GLY A 18 -0.61 0.80 1.89
C GLY A 18 -1.67 0.90 0.78
N GLY A 19 -1.28 1.52 -0.35
CA GLY A 19 -2.22 1.71 -1.48
C GLY A 19 -2.79 3.14 -1.57
N ARG A 20 -3.46 3.47 -2.70
CA ARG A 20 -4.06 4.81 -2.94
C ARG A 20 -3.89 5.23 -4.41
N MET A 21 -4.69 4.62 -5.28
CA MET A 21 -4.62 4.91 -6.73
C MET A 21 -5.12 6.32 -7.05
N LEU A 22 -6.27 6.69 -6.50
CA LEU A 22 -6.88 8.02 -6.70
C LEU A 22 -7.95 8.08 -7.83
N PRO A 23 -9.06 8.81 -7.59
CA PRO A 23 -10.19 8.98 -8.54
C PRO A 23 -10.06 10.17 -9.50
N GLN A 24 -9.76 9.86 -10.75
CA GLN A 24 -9.65 10.88 -11.80
C GLN A 24 -11.01 11.06 -12.49
N LEU A 25 -12.01 10.31 -12.03
CA LEU A 25 -13.37 10.35 -12.58
C LEU A 25 -13.78 11.77 -12.93
N VAL A 26 -13.78 12.64 -11.93
CA VAL A 26 -14.19 14.03 -12.14
C VAL A 26 -13.49 14.64 -13.35
N CYS A 27 -12.29 14.17 -13.65
CA CYS A 27 -11.53 14.69 -14.78
C CYS A 27 -12.19 14.34 -16.12
N ARG A 28 -12.36 13.05 -16.38
CA ARG A 28 -12.96 12.61 -17.64
C ARG A 28 -14.48 12.47 -17.55
N LEU A 29 -15.02 12.56 -16.35
CA LEU A 29 -16.45 12.42 -16.15
C LEU A 29 -17.21 13.70 -16.43
N VAL A 30 -16.67 14.81 -15.94
CA VAL A 30 -17.33 16.09 -16.12
C VAL A 30 -17.45 16.46 -17.61
N LEU A 31 -16.41 17.04 -18.18
CA LEU A 31 -16.35 17.41 -19.61
C LEU A 31 -17.72 17.76 -20.15
N ARG A 32 -18.43 18.58 -19.40
CA ARG A 32 -19.78 19.01 -19.81
C ARG A 32 -19.80 19.47 -21.26
N CYS A 33 -18.62 19.82 -21.80
CA CYS A 33 -18.49 20.28 -23.19
C CYS A 33 -18.91 21.73 -23.34
N SER A 34 -20.04 22.06 -22.75
CA SER A 34 -20.56 23.42 -22.83
C SER A 34 -19.83 24.34 -21.85
N CYS A 1 20.59 -21.41 23.52
CA CYS A 1 20.87 -21.99 22.17
C CYS A 1 20.01 -21.31 21.10
N TRP A 2 18.93 -20.68 21.53
CA TRP A 2 18.02 -19.98 20.61
C TRP A 2 18.72 -18.89 19.85
N LEU A 3 17.95 -18.24 18.97
CA LEU A 3 18.44 -17.13 18.17
C LEU A 3 17.46 -16.79 17.07
N CYS A 4 16.95 -17.83 16.42
CA CYS A 4 16.00 -17.68 15.33
C CYS A 4 14.93 -16.63 15.65
N ARG A 5 14.73 -16.36 16.92
CA ARG A 5 13.73 -15.36 17.34
C ARG A 5 13.99 -14.01 16.68
N ALA A 6 15.20 -13.81 16.19
CA ALA A 6 15.55 -12.55 15.55
C ALA A 6 15.04 -12.51 14.10
N LEU A 7 15.15 -13.62 13.39
CA LEU A 7 14.68 -13.69 12.01
C LEU A 7 13.18 -13.55 11.95
N ILE A 8 12.50 -13.96 13.02
CA ILE A 8 11.07 -13.87 13.01
C ILE A 8 10.61 -12.42 13.19
N LYS A 9 11.20 -11.72 14.16
CA LYS A 9 10.83 -10.33 14.36
C LYS A 9 11.11 -9.52 13.10
N ARG A 10 11.99 -10.06 12.25
CA ARG A 10 12.32 -9.42 11.00
C ARG A 10 11.07 -9.37 10.14
N ILE A 11 10.51 -10.54 9.88
CA ILE A 11 9.27 -10.63 9.12
C ILE A 11 8.26 -9.64 9.72
N GLN A 12 8.37 -9.47 11.04
CA GLN A 12 7.51 -8.56 11.78
C GLN A 12 7.65 -7.14 11.23
N ALA A 13 8.82 -6.81 10.73
CA ALA A 13 9.08 -5.49 10.19
C ALA A 13 8.78 -5.39 8.69
N MET A 14 8.60 -6.54 8.02
CA MET A 14 8.33 -6.55 6.58
C MET A 14 6.82 -6.51 6.25
N ILE A 15 5.99 -6.65 7.27
CA ILE A 15 4.50 -6.69 7.09
C ILE A 15 3.81 -5.63 6.20
N PRO A 16 4.26 -4.45 6.37
CA PRO A 16 3.80 -3.18 5.75
C PRO A 16 3.55 -3.22 4.23
N LYS A 17 2.75 -2.22 3.76
CA LYS A 17 2.36 -2.05 2.33
C LYS A 17 0.91 -1.52 2.24
N GLY A 18 0.55 -0.91 1.10
CA GLY A 18 -0.80 -0.38 0.96
C GLY A 18 -1.16 0.14 -0.45
N GLY A 19 -0.90 1.44 -0.68
CA GLY A 19 -1.21 2.05 -1.99
C GLY A 19 -2.70 2.11 -2.29
N ARG A 20 -3.12 3.06 -3.17
CA ARG A 20 -4.52 3.24 -3.57
C ARG A 20 -4.91 4.72 -3.60
N MET A 21 -4.58 5.41 -4.69
CA MET A 21 -4.91 6.84 -4.81
C MET A 21 -6.25 7.06 -5.51
N LEU A 22 -6.45 6.35 -6.61
CA LEU A 22 -7.71 6.40 -7.39
C LEU A 22 -8.10 7.82 -7.89
N PRO A 23 -7.55 8.24 -9.05
CA PRO A 23 -7.80 9.56 -9.66
C PRO A 23 -8.76 9.49 -10.87
N GLN A 24 -9.99 9.03 -10.65
CA GLN A 24 -10.97 8.90 -11.73
C GLN A 24 -11.83 10.16 -11.90
N LEU A 25 -11.67 11.14 -11.00
CA LEU A 25 -12.47 12.37 -11.04
C LEU A 25 -12.51 13.02 -12.41
N VAL A 26 -11.46 13.76 -12.74
CA VAL A 26 -11.40 14.50 -14.00
C VAL A 26 -11.83 13.66 -15.18
N CYS A 27 -11.56 12.36 -15.11
CA CYS A 27 -11.90 11.45 -16.19
C CYS A 27 -13.38 11.56 -16.58
N ARG A 28 -14.24 11.02 -15.73
CA ARG A 28 -15.68 11.05 -16.00
C ARG A 28 -16.38 12.28 -15.40
N LEU A 29 -15.63 13.15 -14.73
CA LEU A 29 -16.23 14.33 -14.13
C LEU A 29 -16.34 15.50 -15.10
N VAL A 30 -15.36 15.62 -16.00
CA VAL A 30 -15.40 16.73 -16.94
C VAL A 30 -16.32 16.44 -18.13
N LEU A 31 -15.82 15.75 -19.15
CA LEU A 31 -16.58 15.37 -20.35
C LEU A 31 -17.76 16.30 -20.53
N ARG A 32 -17.43 17.58 -20.57
CA ARG A 32 -18.44 18.61 -20.70
C ARG A 32 -17.83 19.89 -21.25
N CYS A 33 -17.51 19.88 -22.52
CA CYS A 33 -16.95 21.05 -23.17
C CYS A 33 -18.02 21.74 -23.97
N SER A 34 -18.70 20.95 -24.76
CA SER A 34 -19.77 21.44 -25.61
C SER A 34 -20.82 20.36 -25.87
N CYS A 1 20.29 -21.52 23.81
CA CYS A 1 19.66 -22.52 22.90
C CYS A 1 18.55 -21.87 22.07
N TRP A 2 18.90 -20.81 21.36
CA TRP A 2 17.95 -20.08 20.52
C TRP A 2 18.65 -19.05 19.68
N LEU A 3 17.89 -18.44 18.80
CA LEU A 3 18.39 -17.39 17.94
C LEU A 3 17.36 -17.03 16.90
N CYS A 4 16.74 -18.06 16.35
CA CYS A 4 15.72 -17.92 15.33
C CYS A 4 14.74 -16.78 15.66
N ARG A 5 14.65 -16.42 16.93
CA ARG A 5 13.74 -15.36 17.33
C ARG A 5 14.07 -14.04 16.63
N ALA A 6 15.25 -13.95 16.06
CA ALA A 6 15.66 -12.75 15.35
C ALA A 6 15.04 -12.69 13.96
N LEU A 7 15.01 -13.83 13.28
CA LEU A 7 14.43 -13.91 11.94
C LEU A 7 12.95 -13.62 11.99
N ILE A 8 12.32 -13.97 13.11
CA ILE A 8 10.91 -13.74 13.22
C ILE A 8 10.62 -12.24 13.34
N LYS A 9 11.41 -11.54 14.15
CA LYS A 9 11.24 -10.09 14.29
C LYS A 9 11.38 -9.44 12.91
N ARG A 10 12.09 -10.12 12.03
CA ARG A 10 12.29 -9.61 10.68
C ARG A 10 10.95 -9.55 10.00
N ILE A 11 10.21 -10.64 10.07
CA ILE A 11 8.90 -10.67 9.50
C ILE A 11 8.09 -9.51 10.07
N GLN A 12 8.46 -9.16 11.32
CA GLN A 12 7.81 -8.06 12.02
C GLN A 12 8.03 -6.74 11.27
N ALA A 13 9.17 -6.63 10.59
CA ALA A 13 9.52 -5.41 9.86
C ALA A 13 9.01 -5.40 8.41
N MET A 14 8.65 -6.55 7.88
CA MET A 14 8.18 -6.63 6.49
C MET A 14 6.65 -6.47 6.35
N ILE A 15 5.94 -6.51 7.47
CA ILE A 15 4.45 -6.42 7.46
C ILE A 15 3.75 -5.39 6.53
N PRO A 16 4.27 -4.23 6.58
CA PRO A 16 3.84 -2.99 5.90
C PRO A 16 3.46 -3.11 4.40
N LYS A 17 2.70 -2.10 3.93
CA LYS A 17 2.21 -1.99 2.52
C LYS A 17 0.83 -1.33 2.48
N GLY A 18 0.48 -0.72 1.33
CA GLY A 18 -0.83 -0.05 1.22
C GLY A 18 -1.23 0.38 -0.19
N GLY A 19 -0.90 1.62 -0.55
CA GLY A 19 -1.28 2.16 -1.87
C GLY A 19 -2.79 2.22 -2.10
N ARG A 20 -3.23 3.07 -3.05
CA ARG A 20 -4.65 3.24 -3.39
C ARG A 20 -5.05 4.72 -3.44
N MET A 21 -4.79 5.36 -4.58
CA MET A 21 -5.14 6.78 -4.77
C MET A 21 -6.49 6.92 -5.48
N LEU A 22 -6.59 6.29 -6.64
CA LEU A 22 -7.81 6.28 -7.46
C LEU A 22 -8.29 7.69 -7.89
N PRO A 23 -7.57 8.36 -8.81
CA PRO A 23 -7.93 9.69 -9.32
C PRO A 23 -8.61 9.67 -10.69
N GLN A 24 -9.76 8.98 -10.78
CA GLN A 24 -10.51 8.88 -12.03
C GLN A 24 -11.56 9.99 -12.18
N LEU A 25 -11.76 10.77 -11.12
CA LEU A 25 -12.78 11.82 -11.12
C LEU A 25 -12.76 12.72 -12.35
N VAL A 26 -11.86 13.69 -12.35
CA VAL A 26 -11.78 14.67 -13.44
C VAL A 26 -11.92 14.02 -14.81
N CYS A 27 -11.49 12.77 -14.93
CA CYS A 27 -11.57 12.06 -16.20
C CYS A 27 -13.00 11.97 -16.71
N ARG A 28 -13.81 11.17 -16.04
CA ARG A 28 -15.20 10.97 -16.46
C ARG A 28 -16.17 11.97 -15.83
N LEU A 29 -15.66 12.87 -15.00
CA LEU A 29 -16.52 13.85 -14.35
C LEU A 29 -16.67 15.13 -15.16
N VAL A 30 -15.58 15.60 -15.76
CA VAL A 30 -15.65 16.83 -16.54
C VAL A 30 -16.45 16.66 -17.84
N LEU A 31 -15.82 16.15 -18.89
CA LEU A 31 -16.46 15.91 -20.19
C LEU A 31 -17.51 16.96 -20.48
N ARG A 32 -17.10 18.20 -20.32
CA ARG A 32 -18.00 19.33 -20.55
C ARG A 32 -17.95 19.76 -22.01
N CYS A 33 -17.04 20.68 -22.36
CA CYS A 33 -16.91 21.17 -23.72
C CYS A 33 -18.13 21.98 -24.10
N SER A 34 -19.27 21.35 -23.99
CA SER A 34 -20.55 21.96 -24.31
C SER A 34 -21.71 20.98 -24.12
N CYS A 1 22.81 -14.07 20.65
CA CYS A 1 22.81 -14.80 19.35
C CYS A 1 21.54 -15.63 19.23
N TRP A 2 20.41 -14.93 19.04
CA TRP A 2 19.13 -15.60 18.94
C TRP A 2 19.04 -16.42 17.68
N LEU A 3 18.53 -17.63 17.84
CA LEU A 3 18.39 -18.54 16.72
C LEU A 3 17.25 -18.14 15.77
N CYS A 4 16.06 -18.65 16.04
CA CYS A 4 14.90 -18.37 15.19
C CYS A 4 14.13 -17.14 15.64
N ARG A 5 14.38 -16.70 16.86
CA ARG A 5 13.64 -15.54 17.40
C ARG A 5 14.08 -14.22 16.78
N ALA A 6 15.27 -14.20 16.22
CA ALA A 6 15.77 -13.00 15.59
C ALA A 6 15.17 -12.84 14.20
N LEU A 7 15.31 -13.86 13.37
CA LEU A 7 14.78 -13.83 12.02
C LEU A 7 13.28 -13.60 12.04
N ILE A 8 12.62 -14.03 13.09
CA ILE A 8 11.19 -13.84 13.14
C ILE A 8 10.84 -12.37 13.30
N LYS A 9 11.42 -11.70 14.30
CA LYS A 9 11.14 -10.28 14.50
C LYS A 9 11.47 -9.46 13.24
N ARG A 10 12.28 -10.04 12.37
CA ARG A 10 12.63 -9.39 11.11
C ARG A 10 11.37 -9.26 10.27
N ILE A 11 10.76 -10.40 9.99
CA ILE A 11 9.51 -10.41 9.24
C ILE A 11 8.57 -9.37 9.84
N GLN A 12 8.68 -9.21 11.15
CA GLN A 12 7.85 -8.27 11.89
C GLN A 12 7.97 -6.85 11.33
N ALA A 13 9.17 -6.47 10.90
CA ALA A 13 9.39 -5.13 10.37
C ALA A 13 9.00 -5.00 8.90
N MET A 14 9.02 -6.12 8.18
CA MET A 14 8.70 -6.11 6.74
C MET A 14 7.21 -6.32 6.41
N ILE A 15 6.36 -6.48 7.43
CA ILE A 15 4.91 -6.74 7.20
C ILE A 15 4.08 -5.76 6.34
N PRO A 16 4.43 -4.54 6.49
CA PRO A 16 3.81 -3.34 5.88
C PRO A 16 3.57 -3.37 4.36
N LYS A 17 2.68 -2.46 3.89
CA LYS A 17 2.31 -2.30 2.46
C LYS A 17 0.80 -2.00 2.31
N GLY A 18 0.43 -1.27 1.23
CA GLY A 18 -0.99 -0.93 1.03
C GLY A 18 -1.29 -0.40 -0.38
N GLY A 19 -1.17 0.91 -0.54
CA GLY A 19 -1.44 1.57 -1.84
C GLY A 19 -2.87 1.41 -2.32
N ARG A 20 -3.23 2.18 -3.39
CA ARG A 20 -4.57 2.15 -4.00
C ARG A 20 -5.37 3.41 -3.72
N MET A 21 -5.11 4.46 -4.50
CA MET A 21 -5.83 5.73 -4.35
C MET A 21 -7.02 5.79 -5.32
N LEU A 22 -6.75 5.43 -6.57
CA LEU A 22 -7.77 5.37 -7.63
C LEU A 22 -8.53 6.69 -7.87
N PRO A 23 -8.04 7.53 -8.82
CA PRO A 23 -8.62 8.83 -9.18
C PRO A 23 -9.36 8.84 -10.54
N GLN A 24 -10.63 8.42 -10.55
CA GLN A 24 -11.42 8.37 -11.81
C GLN A 24 -12.24 9.65 -12.07
N LEU A 25 -12.76 10.24 -11.01
CA LEU A 25 -13.62 11.43 -11.08
C LEU A 25 -13.32 12.36 -12.25
N VAL A 26 -12.10 12.86 -12.28
CA VAL A 26 -11.69 13.82 -13.29
C VAL A 26 -12.27 13.51 -14.68
N CYS A 27 -11.63 12.58 -15.39
CA CYS A 27 -12.09 12.22 -16.73
C CYS A 27 -13.61 12.07 -16.81
N ARG A 28 -14.22 11.69 -15.69
CA ARG A 28 -15.66 11.51 -15.66
C ARG A 28 -16.40 12.75 -16.16
N LEU A 29 -16.53 13.76 -15.29
CA LEU A 29 -17.25 15.00 -15.65
C LEU A 29 -16.33 16.10 -16.21
N VAL A 30 -15.04 15.81 -16.32
CA VAL A 30 -14.06 16.78 -16.81
C VAL A 30 -14.51 17.62 -18.01
N LEU A 31 -15.52 17.17 -18.76
CA LEU A 31 -15.94 17.94 -19.93
C LEU A 31 -17.11 17.29 -20.66
N ARG A 32 -18.31 17.45 -20.12
CA ARG A 32 -19.51 16.91 -20.75
C ARG A 32 -19.68 17.48 -22.14
N CYS A 33 -19.69 18.82 -22.23
CA CYS A 33 -19.85 19.55 -23.50
C CYS A 33 -20.50 20.90 -23.24
N SER A 34 -21.63 20.83 -22.56
CA SER A 34 -22.41 22.01 -22.23
C SER A 34 -23.75 21.62 -21.61
N CYS A 1 22.14 -13.68 22.31
CA CYS A 1 22.66 -15.00 21.88
C CYS A 1 21.53 -15.90 21.38
N TRP A 2 20.42 -15.29 21.00
CA TRP A 2 19.28 -16.05 20.51
C TRP A 2 19.45 -16.44 19.04
N LEU A 3 18.96 -17.62 18.70
CA LEU A 3 19.08 -18.17 17.36
C LEU A 3 18.00 -17.67 16.38
N CYS A 4 16.82 -18.28 16.46
CA CYS A 4 15.70 -17.98 15.54
C CYS A 4 14.90 -16.71 15.88
N ARG A 5 14.95 -16.28 17.12
CA ARG A 5 14.17 -15.10 17.55
C ARG A 5 14.47 -13.87 16.68
N ALA A 6 15.61 -13.90 16.02
CA ALA A 6 16.00 -12.78 15.17
C ALA A 6 15.23 -12.78 13.85
N LEU A 7 15.11 -13.94 13.23
CA LEU A 7 14.40 -14.06 11.95
C LEU A 7 12.91 -13.82 12.14
N ILE A 8 12.40 -14.13 13.33
CA ILE A 8 10.98 -13.93 13.55
C ILE A 8 10.64 -12.44 13.59
N LYS A 9 11.42 -11.68 14.36
CA LYS A 9 11.19 -10.24 14.47
C LYS A 9 11.41 -9.55 13.12
N ARG A 10 12.15 -10.22 12.24
CA ARG A 10 12.42 -9.69 10.91
C ARG A 10 11.13 -9.56 10.15
N ILE A 11 10.43 -10.68 9.99
CA ILE A 11 9.15 -10.65 9.30
C ILE A 11 8.23 -9.65 9.99
N GLN A 12 8.42 -9.50 11.30
CA GLN A 12 7.62 -8.56 12.08
C GLN A 12 7.76 -7.14 11.53
N ALA A 13 8.90 -6.85 10.92
CA ALA A 13 9.15 -5.52 10.37
C ALA A 13 8.65 -5.34 8.93
N MET A 14 8.97 -6.29 8.08
CA MET A 14 8.60 -6.22 6.64
C MET A 14 7.09 -6.25 6.38
N ILE A 15 6.28 -6.53 7.39
CA ILE A 15 4.81 -6.65 7.23
C ILE A 15 4.07 -5.69 6.25
N PRO A 16 4.35 -4.46 6.47
CA PRO A 16 3.80 -3.26 5.81
C PRO A 16 3.65 -3.31 4.29
N LYS A 17 2.71 -2.47 3.78
CA LYS A 17 2.37 -2.31 2.35
C LYS A 17 0.89 -1.92 2.19
N GLY A 18 0.53 -1.31 1.05
CA GLY A 18 -0.87 -0.89 0.84
C GLY A 18 -1.17 -0.29 -0.54
N GLY A 19 -0.99 1.03 -0.68
CA GLY A 19 -1.26 1.73 -1.94
C GLY A 19 -2.65 1.49 -2.52
N ARG A 20 -3.11 2.40 -3.41
CA ARG A 20 -4.43 2.30 -4.07
C ARG A 20 -5.26 3.57 -3.87
N MET A 21 -4.99 4.58 -4.71
CA MET A 21 -5.72 5.85 -4.64
C MET A 21 -6.92 5.85 -5.61
N LEU A 22 -6.63 5.54 -6.86
CA LEU A 22 -7.65 5.47 -7.92
C LEU A 22 -8.36 6.81 -8.21
N PRO A 23 -7.78 7.65 -9.11
CA PRO A 23 -8.32 8.97 -9.49
C PRO A 23 -8.99 9.00 -10.89
N GLN A 24 -10.22 8.47 -11.00
CA GLN A 24 -10.96 8.45 -12.27
C GLN A 24 -11.89 9.67 -12.45
N LEU A 25 -12.37 10.18 -11.32
CA LEU A 25 -13.31 11.31 -11.28
C LEU A 25 -13.17 12.29 -12.43
N VAL A 26 -12.04 12.98 -12.47
CA VAL A 26 -11.81 14.01 -13.48
C VAL A 26 -12.41 13.68 -14.84
N CYS A 27 -11.71 12.87 -15.64
CA CYS A 27 -12.21 12.53 -16.98
C CYS A 27 -13.71 12.29 -17.00
N ARG A 28 -14.26 11.75 -15.92
CA ARG A 28 -15.70 11.50 -15.87
C ARG A 28 -16.50 12.80 -16.10
N LEU A 29 -16.53 13.66 -15.10
CA LEU A 29 -17.27 14.94 -15.17
C LEU A 29 -16.41 16.10 -15.70
N VAL A 30 -15.15 15.80 -16.00
CA VAL A 30 -14.18 16.79 -16.46
C VAL A 30 -14.78 17.91 -17.32
N LEU A 31 -15.46 17.57 -18.39
CA LEU A 31 -16.02 18.57 -19.27
C LEU A 31 -17.48 18.28 -19.59
N ARG A 32 -17.70 17.54 -20.68
CA ARG A 32 -19.04 17.18 -21.15
C ARG A 32 -19.07 17.27 -22.67
N CYS A 33 -18.73 18.45 -23.15
CA CYS A 33 -18.71 18.78 -24.58
C CYS A 33 -18.97 20.25 -24.74
N SER A 34 -20.03 20.66 -24.08
CA SER A 34 -20.46 22.04 -24.11
C SER A 34 -21.64 22.26 -23.17
N CYS A 1 18.95 -17.50 25.53
CA CYS A 1 20.09 -17.93 24.67
C CYS A 1 19.58 -18.50 23.36
N TRP A 2 18.65 -17.79 22.71
CA TRP A 2 18.11 -18.28 21.46
C TRP A 2 18.16 -17.21 20.35
N LEU A 3 18.94 -17.52 19.32
CA LEU A 3 19.13 -16.63 18.18
C LEU A 3 17.91 -16.57 17.28
N CYS A 4 17.25 -17.71 17.13
CA CYS A 4 16.05 -17.81 16.30
C CYS A 4 15.14 -16.62 16.51
N ARG A 5 15.31 -15.93 17.64
CA ARG A 5 14.51 -14.74 17.92
C ARG A 5 14.73 -13.70 16.82
N ALA A 6 15.78 -13.91 16.03
CA ALA A 6 16.12 -13.01 14.94
C ALA A 6 15.16 -13.16 13.76
N LEU A 7 14.88 -14.41 13.38
CA LEU A 7 13.99 -14.69 12.27
C LEU A 7 12.60 -14.16 12.56
N ILE A 8 12.21 -14.22 13.83
CA ILE A 8 10.89 -13.74 14.16
C ILE A 8 10.81 -12.22 13.99
N LYS A 9 11.88 -11.51 14.38
CA LYS A 9 11.90 -10.05 14.21
C LYS A 9 11.92 -9.69 12.72
N ARG A 10 12.22 -10.68 11.91
CA ARG A 10 12.27 -10.51 10.46
C ARG A 10 10.87 -10.22 9.98
N ILE A 11 9.96 -11.13 10.28
CA ILE A 11 8.57 -10.96 9.91
C ILE A 11 8.09 -9.59 10.38
N GLN A 12 8.57 -9.21 11.56
CA GLN A 12 8.23 -7.91 12.14
C GLN A 12 8.53 -6.78 11.16
N ALA A 13 9.61 -6.95 10.40
CA ALA A 13 10.02 -5.94 9.42
C ALA A 13 9.30 -6.05 8.07
N MET A 14 8.71 -7.22 7.80
CA MET A 14 8.02 -7.43 6.51
C MET A 14 6.54 -7.06 6.56
N ILE A 15 6.07 -6.57 7.69
CA ILE A 15 4.64 -6.21 7.84
C ILE A 15 4.05 -4.92 7.18
N PRO A 16 4.82 -4.22 6.36
CA PRO A 16 4.43 -3.00 5.63
C PRO A 16 3.48 -3.27 4.43
N LYS A 17 2.84 -2.19 3.90
CA LYS A 17 1.90 -2.27 2.74
C LYS A 17 0.84 -1.17 2.81
N GLY A 18 0.22 -0.84 1.67
CA GLY A 18 -0.80 0.22 1.65
C GLY A 18 -1.66 0.29 0.39
N GLY A 19 -1.22 1.11 -0.59
CA GLY A 19 -1.99 1.29 -1.83
C GLY A 19 -2.76 2.63 -1.86
N ARG A 20 -3.53 2.89 -2.95
CA ARG A 20 -4.32 4.14 -3.11
C ARG A 20 -3.85 4.92 -4.33
N MET A 21 -4.23 4.45 -5.53
CA MET A 21 -3.84 5.10 -6.78
C MET A 21 -4.62 6.40 -7.04
N LEU A 22 -5.95 6.33 -6.93
CA LEU A 22 -6.86 7.50 -7.14
C LEU A 22 -7.66 7.44 -8.46
N PRO A 23 -8.95 7.87 -8.43
CA PRO A 23 -9.87 7.88 -9.58
C PRO A 23 -9.87 9.14 -10.45
N GLN A 24 -9.85 8.90 -11.75
CA GLN A 24 -9.88 9.95 -12.76
C GLN A 24 -11.31 10.29 -13.17
N LEU A 25 -12.28 9.61 -12.53
CA LEU A 25 -13.70 9.85 -12.79
C LEU A 25 -13.90 11.33 -13.08
N VAL A 26 -13.11 12.13 -12.39
CA VAL A 26 -13.17 13.57 -12.55
C VAL A 26 -13.06 13.96 -14.01
N CYS A 27 -11.98 13.57 -14.65
CA CYS A 27 -11.78 13.89 -16.07
C CYS A 27 -13.01 13.50 -16.89
N ARG A 28 -13.75 12.51 -16.40
CA ARG A 28 -14.94 12.05 -17.11
C ARG A 28 -16.03 13.12 -17.19
N LEU A 29 -16.58 13.53 -16.04
CA LEU A 29 -17.65 14.52 -16.02
C LEU A 29 -17.13 15.96 -15.94
N VAL A 30 -15.86 16.09 -15.63
CA VAL A 30 -15.20 17.38 -15.46
C VAL A 30 -15.63 18.48 -16.47
N LEU A 31 -16.07 18.09 -17.67
CA LEU A 31 -16.49 19.10 -18.66
C LEU A 31 -16.96 18.46 -19.97
N ARG A 32 -18.14 17.89 -19.94
CA ARG A 32 -18.72 17.25 -21.13
C ARG A 32 -18.61 18.16 -22.36
N CYS A 33 -18.77 19.47 -22.12
CA CYS A 33 -18.70 20.50 -23.17
C CYS A 33 -19.66 21.63 -22.83
N SER A 34 -20.90 21.24 -22.63
CA SER A 34 -21.96 22.17 -22.30
C SER A 34 -23.29 21.44 -22.10
N CYS A 1 20.57 -21.20 24.22
CA CYS A 1 20.17 -22.20 23.20
C CYS A 1 19.05 -21.67 22.33
N TRP A 2 19.23 -20.45 21.82
CA TRP A 2 18.25 -19.80 20.96
C TRP A 2 18.93 -18.90 19.98
N LEU A 3 18.12 -18.33 19.11
CA LEU A 3 18.60 -17.39 18.13
C LEU A 3 17.47 -17.04 17.17
N CYS A 4 16.69 -18.05 16.84
CA CYS A 4 15.55 -17.90 15.94
C CYS A 4 14.77 -16.63 16.23
N ARG A 5 14.87 -16.14 17.46
CA ARG A 5 14.17 -14.91 17.83
C ARG A 5 14.40 -13.83 16.77
N ALA A 6 15.54 -13.91 16.11
CA ALA A 6 15.88 -12.95 15.06
C ALA A 6 14.94 -13.08 13.86
N LEU A 7 14.55 -14.31 13.51
CA LEU A 7 13.64 -14.49 12.39
C LEU A 7 12.32 -13.82 12.71
N ILE A 8 11.93 -13.91 13.96
CA ILE A 8 10.68 -13.28 14.35
C ILE A 8 10.74 -11.79 14.02
N LYS A 9 11.90 -11.18 14.24
CA LYS A 9 12.07 -9.77 13.92
C LYS A 9 12.01 -9.58 12.40
N ARG A 10 12.13 -10.69 11.68
CA ARG A 10 12.04 -10.67 10.24
C ARG A 10 10.61 -10.35 9.85
N ILE A 11 9.68 -10.92 10.59
CA ILE A 11 8.28 -10.62 10.36
C ILE A 11 8.10 -9.11 10.57
N GLN A 12 8.89 -8.60 11.51
CA GLN A 12 8.87 -7.19 11.83
C GLN A 12 9.20 -6.34 10.60
N ALA A 13 9.99 -6.92 9.69
CA ALA A 13 10.40 -6.20 8.47
C ALA A 13 9.39 -6.34 7.32
N MET A 14 8.57 -7.40 7.33
CA MET A 14 7.60 -7.64 6.25
C MET A 14 6.22 -7.01 6.51
N ILE A 15 6.01 -6.42 7.69
CA ILE A 15 4.70 -5.83 8.06
C ILE A 15 3.99 -4.87 7.05
N PRO A 16 4.80 -4.06 6.49
CA PRO A 16 4.51 -2.97 5.53
C PRO A 16 3.55 -3.32 4.37
N LYS A 17 2.97 -2.25 3.78
CA LYS A 17 2.00 -2.33 2.65
C LYS A 17 0.98 -1.18 2.74
N GLY A 18 0.29 -0.88 1.63
CA GLY A 18 -0.69 0.22 1.64
C GLY A 18 -1.59 0.28 0.42
N GLY A 19 -1.16 1.00 -0.62
CA GLY A 19 -1.98 1.15 -1.84
C GLY A 19 -2.82 2.43 -1.83
N ARG A 20 -3.58 2.68 -2.94
CA ARG A 20 -4.45 3.86 -3.08
C ARG A 20 -3.93 4.83 -4.15
N MET A 21 -4.22 4.51 -5.41
CA MET A 21 -3.78 5.35 -6.54
C MET A 21 -4.72 6.54 -6.80
N LEU A 22 -6.01 6.33 -6.62
CA LEU A 22 -7.05 7.38 -6.82
C LEU A 22 -7.64 7.42 -8.24
N PRO A 23 -8.99 7.63 -8.34
CA PRO A 23 -9.71 7.68 -9.63
C PRO A 23 -9.72 9.04 -10.31
N GLN A 24 -9.39 9.02 -11.60
CA GLN A 24 -9.41 10.22 -12.43
C GLN A 24 -10.79 10.38 -13.07
N LEU A 25 -11.70 9.44 -12.77
CA LEU A 25 -13.07 9.52 -13.31
C LEU A 25 -13.53 10.95 -13.29
N VAL A 26 -13.07 11.68 -12.28
CA VAL A 26 -13.44 13.08 -12.15
C VAL A 26 -13.24 13.81 -13.48
N CYS A 27 -11.99 13.95 -13.89
CA CYS A 27 -11.67 14.62 -15.15
C CYS A 27 -12.55 14.11 -16.28
N ARG A 28 -12.97 12.86 -16.19
CA ARG A 28 -13.81 12.27 -17.22
C ARG A 28 -15.11 13.07 -17.41
N LEU A 29 -16.05 12.91 -16.49
CA LEU A 29 -17.35 13.61 -16.58
C LEU A 29 -17.36 14.97 -15.85
N VAL A 30 -16.25 15.34 -15.24
CA VAL A 30 -16.17 16.61 -14.49
C VAL A 30 -16.84 17.78 -15.19
N LEU A 31 -16.98 17.74 -16.51
CA LEU A 31 -17.63 18.82 -17.23
C LEU A 31 -18.66 18.28 -18.21
N ARG A 32 -18.23 18.00 -19.44
CA ARG A 32 -19.11 17.47 -20.49
C ARG A 32 -18.67 17.98 -21.86
N CYS A 33 -18.66 19.31 -22.00
CA CYS A 33 -18.29 19.99 -23.24
C CYS A 33 -18.83 21.39 -23.23
N SER A 34 -20.10 21.46 -22.89
CA SER A 34 -20.82 22.71 -22.81
C SER A 34 -22.17 22.54 -22.13
N CYS A 1 18.93 -19.11 25.16
CA CYS A 1 20.20 -19.44 24.46
C CYS A 1 19.99 -19.52 22.96
N TRP A 2 19.00 -18.77 22.48
CA TRP A 2 18.68 -18.75 21.06
C TRP A 2 19.16 -17.49 20.37
N LEU A 3 18.54 -17.19 19.23
CA LEU A 3 18.91 -16.06 18.42
C LEU A 3 17.97 -15.96 17.25
N CYS A 4 17.61 -17.12 16.70
CA CYS A 4 16.68 -17.23 15.60
C CYS A 4 15.46 -16.36 15.87
N ARG A 5 15.23 -16.07 17.15
CA ARG A 5 14.11 -15.20 17.50
C ARG A 5 14.26 -13.87 16.75
N ALA A 6 15.44 -13.66 16.16
CA ALA A 6 15.74 -12.47 15.40
C ALA A 6 15.07 -12.49 14.03
N LEU A 7 15.14 -13.63 13.35
CA LEU A 7 14.55 -13.76 12.02
C LEU A 7 13.04 -13.69 12.09
N ILE A 8 12.48 -14.12 13.20
CA ILE A 8 11.05 -14.08 13.33
C ILE A 8 10.57 -12.63 13.42
N LYS A 9 11.23 -11.84 14.28
CA LYS A 9 10.87 -10.42 14.41
C LYS A 9 11.15 -9.70 13.09
N ARG A 10 11.94 -10.32 12.23
CA ARG A 10 12.25 -9.74 10.94
C ARG A 10 10.98 -9.65 10.12
N ILE A 11 10.32 -10.80 9.96
CA ILE A 11 9.07 -10.85 9.25
C ILE A 11 8.14 -9.78 9.84
N GLN A 12 8.30 -9.59 11.15
CA GLN A 12 7.53 -8.60 11.90
C GLN A 12 7.70 -7.22 11.29
N ALA A 13 8.86 -6.95 10.73
CA ALA A 13 9.15 -5.64 10.15
C ALA A 13 8.72 -5.50 8.69
N MET A 14 8.66 -6.63 7.97
CA MET A 14 8.28 -6.60 6.55
C MET A 14 6.76 -6.73 6.32
N ILE A 15 5.99 -6.83 7.40
CA ILE A 15 4.51 -6.99 7.29
C ILE A 15 3.75 -6.02 6.36
N PRO A 16 4.16 -4.81 6.46
CA PRO A 16 3.64 -3.59 5.79
C PRO A 16 3.44 -3.70 4.26
N LYS A 17 2.61 -2.77 3.72
CA LYS A 17 2.25 -2.66 2.27
C LYS A 17 0.79 -2.20 2.11
N GLY A 18 0.44 -1.60 0.95
CA GLY A 18 -0.94 -1.15 0.75
C GLY A 18 -1.25 -0.58 -0.64
N GLY A 19 -1.03 0.74 -0.82
CA GLY A 19 -1.32 1.41 -2.10
C GLY A 19 -2.76 1.24 -2.58
N ARG A 20 -3.22 2.16 -3.47
CA ARG A 20 -4.59 2.14 -4.04
C ARG A 20 -5.33 3.47 -3.85
N MET A 21 -5.06 4.44 -4.73
CA MET A 21 -5.72 5.74 -4.68
C MET A 21 -6.94 5.80 -5.62
N LEU A 22 -6.72 5.40 -6.86
CA LEU A 22 -7.80 5.36 -7.88
C LEU A 22 -8.44 6.75 -8.15
N PRO A 23 -7.87 7.51 -9.12
CA PRO A 23 -8.34 8.85 -9.52
C PRO A 23 -9.11 8.90 -10.85
N GLN A 24 -10.37 8.49 -10.85
CA GLN A 24 -11.21 8.48 -12.07
C GLN A 24 -12.02 9.77 -12.26
N LEU A 25 -12.29 10.46 -11.16
CA LEU A 25 -13.09 11.69 -11.17
C LEU A 25 -12.91 12.53 -12.41
N VAL A 26 -11.69 12.97 -12.65
CA VAL A 26 -11.40 13.87 -13.74
C VAL A 26 -12.19 13.53 -15.01
N CYS A 27 -11.71 12.57 -15.78
CA CYS A 27 -12.39 12.21 -17.03
C CYS A 27 -13.89 12.11 -16.89
N ARG A 28 -14.37 11.73 -15.71
CA ARG A 28 -15.81 11.59 -15.50
C ARG A 28 -16.53 12.91 -15.82
N LEU A 29 -16.49 13.86 -14.90
CA LEU A 29 -17.14 15.16 -15.09
C LEU A 29 -16.18 16.19 -15.70
N VAL A 30 -14.95 15.78 -15.98
CA VAL A 30 -13.91 16.67 -16.52
C VAL A 30 -14.48 17.82 -17.36
N LEU A 31 -15.25 17.48 -18.37
CA LEU A 31 -15.81 18.48 -19.25
C LEU A 31 -17.30 18.24 -19.48
N ARG A 32 -17.61 17.44 -20.50
CA ARG A 32 -18.99 17.12 -20.88
C ARG A 32 -19.09 17.10 -22.41
N CYS A 33 -18.77 18.25 -23.00
CA CYS A 33 -18.79 18.44 -24.45
C CYS A 33 -18.92 19.91 -24.74
N SER A 34 -19.87 20.51 -24.04
CA SER A 34 -20.16 21.92 -24.18
C SER A 34 -20.20 22.61 -22.81
N CYS A 1 22.15 -21.51 23.06
CA CYS A 1 20.77 -21.98 22.73
C CYS A 1 19.95 -20.88 22.06
N TRP A 2 18.99 -21.30 21.24
CA TRP A 2 18.12 -20.38 20.49
C TRP A 2 18.89 -19.29 19.79
N LEU A 3 18.15 -18.53 18.99
CA LEU A 3 18.69 -17.40 18.26
C LEU A 3 17.74 -16.95 17.16
N CYS A 4 17.25 -17.93 16.42
CA CYS A 4 16.34 -17.69 15.30
C CYS A 4 15.25 -16.67 15.62
N ARG A 5 14.96 -16.47 16.90
CA ARG A 5 13.92 -15.51 17.28
C ARG A 5 14.13 -14.12 16.67
N ALA A 6 15.34 -13.87 16.16
CA ALA A 6 15.64 -12.58 15.55
C ALA A 6 15.15 -12.51 14.11
N LEU A 7 15.30 -13.60 13.37
CA LEU A 7 14.86 -13.62 11.98
C LEU A 7 13.35 -13.53 11.92
N ILE A 8 12.69 -14.00 12.98
CA ILE A 8 11.25 -13.93 13.00
C ILE A 8 10.75 -12.51 13.28
N LYS A 9 11.41 -11.81 14.20
CA LYS A 9 11.01 -10.43 14.50
C LYS A 9 11.22 -9.54 13.27
N ARG A 10 12.05 -10.00 12.35
CA ARG A 10 12.31 -9.26 11.13
C ARG A 10 11.10 -9.35 10.24
N ILE A 11 10.60 -10.56 10.04
CA ILE A 11 9.39 -10.74 9.25
C ILE A 11 8.29 -9.86 9.84
N GLN A 12 8.33 -9.76 11.17
CA GLN A 12 7.36 -8.93 11.90
C GLN A 12 7.49 -7.47 11.49
N ALA A 13 8.69 -7.06 11.07
CA ALA A 13 8.94 -5.68 10.71
C ALA A 13 8.67 -5.36 9.23
N MET A 14 8.71 -6.38 8.37
CA MET A 14 8.50 -6.16 6.92
C MET A 14 7.04 -6.29 6.48
N ILE A 15 6.18 -6.75 7.39
CA ILE A 15 4.74 -6.97 7.10
C ILE A 15 3.97 -6.01 6.15
N PRO A 16 4.14 -4.78 6.45
CA PRO A 16 3.53 -3.58 5.84
C PRO A 16 3.40 -3.56 4.30
N LYS A 17 2.50 -2.67 3.82
CA LYS A 17 2.19 -2.47 2.38
C LYS A 17 0.70 -2.13 2.21
N GLY A 18 0.37 -1.39 1.14
CA GLY A 18 -1.03 -1.02 0.91
C GLY A 18 -1.33 -0.49 -0.49
N GLY A 19 -1.20 0.83 -0.67
CA GLY A 19 -1.48 1.46 -1.98
C GLY A 19 -2.93 1.35 -2.42
N ARG A 20 -3.35 2.25 -3.34
CA ARG A 20 -4.73 2.29 -3.88
C ARG A 20 -5.33 3.69 -3.74
N MET A 21 -5.02 4.57 -4.68
CA MET A 21 -5.53 5.94 -4.67
C MET A 21 -6.83 6.06 -5.49
N LEU A 22 -6.81 5.48 -6.67
CA LEU A 22 -7.97 5.48 -7.58
C LEU A 22 -8.48 6.89 -7.96
N PRO A 23 -8.01 7.46 -9.10
CA PRO A 23 -8.39 8.78 -9.59
C PRO A 23 -9.35 8.76 -10.80
N GLN A 24 -10.66 8.53 -10.57
CA GLN A 24 -11.66 8.50 -11.65
C GLN A 24 -12.33 9.86 -11.92
N LEU A 25 -12.44 10.65 -10.86
CA LEU A 25 -13.11 11.97 -10.91
C LEU A 25 -12.99 12.66 -12.26
N VAL A 26 -11.76 12.96 -12.64
CA VAL A 26 -11.48 13.70 -13.87
C VAL A 26 -12.37 13.30 -15.04
N CYS A 27 -12.01 12.20 -15.73
CA CYS A 27 -12.78 11.76 -16.90
C CYS A 27 -14.28 11.89 -16.69
N ARG A 28 -14.73 11.75 -15.45
CA ARG A 28 -16.15 11.88 -15.16
C ARG A 28 -16.69 13.22 -15.69
N LEU A 29 -16.34 14.30 -14.99
CA LEU A 29 -16.78 15.65 -15.37
C LEU A 29 -15.80 16.39 -16.30
N VAL A 30 -14.67 15.75 -16.55
CA VAL A 30 -13.59 16.33 -17.37
C VAL A 30 -14.03 17.20 -18.54
N LEU A 31 -15.15 16.88 -19.19
CA LEU A 31 -15.57 17.67 -20.35
C LEU A 31 -16.78 17.04 -21.03
N ARG A 32 -17.95 17.30 -20.49
CA ARG A 32 -19.18 16.79 -21.07
C ARG A 32 -19.26 17.21 -22.53
N CYS A 33 -19.21 18.52 -22.75
CA CYS A 33 -19.28 19.10 -24.08
C CYS A 33 -19.67 20.55 -23.96
N SER A 34 -20.81 20.71 -23.33
CA SER A 34 -21.39 22.02 -23.13
C SER A 34 -20.80 22.69 -21.90
N CYS A 1 21.49 -21.64 22.72
CA CYS A 1 20.01 -21.68 22.83
C CYS A 1 19.37 -20.52 22.06
N TRP A 2 18.22 -20.80 21.44
CA TRP A 2 17.48 -19.79 20.66
C TRP A 2 18.39 -18.97 19.77
N LEU A 3 17.77 -18.02 19.07
CA LEU A 3 18.45 -17.10 18.17
C LEU A 3 17.53 -16.66 17.05
N CYS A 4 17.07 -17.63 16.28
CA CYS A 4 16.17 -17.40 15.13
C CYS A 4 15.02 -16.44 15.48
N ARG A 5 14.72 -16.31 16.75
CA ARG A 5 13.61 -15.45 17.18
C ARG A 5 13.78 -14.02 16.69
N ALA A 6 15.00 -13.61 16.40
CA ALA A 6 15.25 -12.27 15.92
C ALA A 6 14.84 -12.09 14.47
N LEU A 7 15.33 -12.98 13.61
CA LEU A 7 15.02 -12.91 12.20
C LEU A 7 13.52 -13.08 11.95
N ILE A 8 12.83 -13.74 12.86
CA ILE A 8 11.41 -13.93 12.67
C ILE A 8 10.63 -12.65 12.96
N LYS A 9 11.02 -11.92 14.00
CA LYS A 9 10.33 -10.68 14.34
C LYS A 9 10.65 -9.57 13.35
N ARG A 10 11.68 -9.79 12.56
CA ARG A 10 12.08 -8.81 11.56
C ARG A 10 11.16 -8.85 10.38
N ILE A 11 11.11 -9.98 9.70
CA ILE A 11 10.22 -10.13 8.57
C ILE A 11 8.80 -9.78 8.98
N GLN A 12 8.51 -10.07 10.25
CA GLN A 12 7.19 -9.81 10.82
C GLN A 12 6.76 -8.34 10.65
N ALA A 13 7.63 -7.42 11.05
CA ALA A 13 7.31 -5.99 10.99
C ALA A 13 7.28 -5.38 9.58
N MET A 14 8.19 -5.81 8.71
CA MET A 14 8.29 -5.23 7.36
C MET A 14 7.45 -5.91 6.25
N ILE A 15 6.68 -6.94 6.58
CA ILE A 15 5.92 -7.67 5.55
C ILE A 15 5.08 -6.86 4.52
N PRO A 16 3.99 -6.39 5.02
CA PRO A 16 2.87 -5.67 4.35
C PRO A 16 3.05 -4.16 4.04
N LYS A 17 1.95 -3.57 3.47
CA LYS A 17 1.85 -2.12 3.10
C LYS A 17 2.23 -1.82 1.65
N GLY A 18 1.31 -1.14 0.92
CA GLY A 18 1.57 -0.76 -0.47
C GLY A 18 0.35 -0.69 -1.38
N GLY A 19 -0.38 0.44 -1.38
CA GLY A 19 -1.53 0.58 -2.28
C GLY A 19 -2.58 1.62 -1.86
N ARG A 20 -3.41 2.06 -2.85
CA ARG A 20 -4.49 3.03 -2.66
C ARG A 20 -4.24 4.36 -3.36
N MET A 21 -4.61 4.40 -4.63
CA MET A 21 -4.46 5.61 -5.44
C MET A 21 -5.81 6.31 -5.64
N LEU A 22 -6.77 5.57 -6.15
CA LEU A 22 -8.14 6.08 -6.37
C LEU A 22 -8.21 7.30 -7.30
N PRO A 23 -8.14 7.09 -8.62
CA PRO A 23 -8.19 8.15 -9.65
C PRO A 23 -9.55 8.26 -10.38
N GLN A 24 -10.57 8.82 -9.71
CA GLN A 24 -11.91 8.97 -10.30
C GLN A 24 -12.12 10.32 -11.00
N LEU A 25 -11.44 11.36 -10.50
CA LEU A 25 -11.56 12.73 -11.02
C LEU A 25 -11.89 12.80 -12.51
N VAL A 26 -10.95 12.33 -13.32
CA VAL A 26 -11.07 12.40 -14.76
C VAL A 26 -12.50 12.19 -15.26
N CYS A 27 -12.94 10.94 -15.35
CA CYS A 27 -14.27 10.66 -15.85
C CYS A 27 -15.32 11.62 -15.29
N ARG A 28 -15.11 12.10 -14.06
CA ARG A 28 -16.05 13.03 -13.45
C ARG A 28 -16.28 14.25 -14.35
N LEU A 29 -15.30 15.15 -14.40
CA LEU A 29 -15.41 16.36 -15.22
C LEU A 29 -14.84 16.16 -16.63
N VAL A 30 -14.35 14.96 -16.90
CA VAL A 30 -13.72 14.60 -18.18
C VAL A 30 -14.37 15.24 -19.42
N LEU A 31 -15.69 15.31 -19.48
CA LEU A 31 -16.36 15.87 -20.65
C LEU A 31 -17.87 15.84 -20.55
N ARG A 32 -18.44 16.75 -19.75
CA ARG A 32 -19.89 16.82 -19.61
C ARG A 32 -20.53 16.95 -20.99
N CYS A 33 -20.09 17.96 -21.74
CA CYS A 33 -20.58 18.25 -23.09
C CYS A 33 -20.45 19.73 -23.39
N SER A 34 -20.98 20.50 -22.46
CA SER A 34 -20.96 21.95 -22.57
C SER A 34 -21.19 22.61 -21.21
#